data_5VDA
#
_entry.id   5VDA
#
_cell.length_a   50.360
_cell.length_b   44.640
_cell.length_c   64.620
_cell.angle_alpha   90.000
_cell.angle_beta   102.180
_cell.angle_gamma   90.000
#
_symmetry.space_group_name_H-M   'P 1 21 1'
#
loop_
_entity.id
_entity.type
_entity.pdbx_description
1 polymer 'Wee1-like protein kinase'
2 non-polymer 1-{6-[(1S)-1-hydroxyethyl]pyridin-2-yl}-6-{[4-(4-methylpiperazin-1-yl)phenyl]amino}-2-(prop-2-en-1-yl)-1,2-dihydro-3H-pyrazolo[3,4-d]pyrimidin-3-one
3 non-polymer 'CHLORIDE ION'
4 non-polymer 1,2-ETHANEDIOL
5 water water
#
_entity_poly.entity_id   1
_entity_poly.type   'polypeptide(L)'
_entity_poly.pdbx_seq_one_letter_code
;GAGSMKSRYTTEFHELEKIGSGEFGSVFKCVKRLDGCIYAIKRSKKPLAGSVDEQNALREVYAHAVLGQHSHVVRYFSAW
AEDDHMLIQNEYCNGGSLADAISENYRIMSYFKEAELKDLLLQVGRGLRYIHSMSLVHMDIKPSNIFISRTSIPNAASEE
GDEDDWASNKVMFKIGDLGHVTRISSPQVEEGDSRFLANEVLQENYTHLPKADIFALALTVVCAAGAEPLPRNGDQWHEI
RQGRLPRIPQVLSQEFTELLKVMIHPDPERRPSAMALVKHSVLLSASRK
;
_entity_poly.pdbx_strand_id   A
#
loop_
_chem_comp.id
_chem_comp.type
_chem_comp.name
_chem_comp.formula
98D non-polymer 1-{6-[(1S)-1-hydroxyethyl]pyridin-2-yl}-6-{[4-(4-methylpiperazin-1-yl)phenyl]amino}-2-(prop-2-en-1-yl)-1,2-dihydro-3H-pyrazolo[3,4-d]pyrimidin-3-one 'C26 H30 N8 O2'
CL non-polymer 'CHLORIDE ION' 'Cl -1'
EDO non-polymer 1,2-ETHANEDIOL 'C2 H6 O2'
#
# COMPACT_ATOMS: atom_id res chain seq x y z
N SER A 7 9.03 -24.49 -19.17
CA SER A 7 8.67 -23.23 -18.46
C SER A 7 8.88 -23.34 -16.96
N ARG A 8 9.72 -22.48 -16.38
CA ARG A 8 9.89 -22.46 -14.91
C ARG A 8 8.57 -22.30 -14.16
N TYR A 9 7.71 -21.41 -14.61
CA TYR A 9 6.43 -21.19 -13.92
C TYR A 9 5.66 -22.53 -13.80
N THR A 10 5.33 -23.12 -14.94
CA THR A 10 4.69 -24.44 -14.98
C THR A 10 5.47 -25.49 -14.21
N THR A 11 6.80 -25.47 -14.34
CA THR A 11 7.63 -26.50 -13.73
C THR A 11 7.59 -26.42 -12.21
N GLU A 12 7.84 -25.23 -11.68
CA GLU A 12 8.01 -25.06 -10.24
C GLU A 12 6.70 -25.00 -9.47
N PHE A 13 5.62 -24.60 -10.14
CA PHE A 13 4.37 -24.24 -9.50
C PHE A 13 3.20 -24.83 -10.24
N HIS A 14 2.15 -25.10 -9.49
CA HIS A 14 0.87 -25.46 -10.03
C HIS A 14 -0.12 -24.33 -9.75
N GLU A 15 -0.75 -23.84 -10.82
CA GLU A 15 -1.72 -22.77 -10.77
C GLU A 15 -3.05 -23.17 -10.15
N LEU A 16 -3.46 -22.50 -9.08
CA LEU A 16 -4.73 -22.86 -8.40
C LEU A 16 -5.92 -21.99 -8.73
N GLU A 17 -5.68 -20.72 -8.97
CA GLU A 17 -6.77 -19.74 -8.98
C GLU A 17 -6.25 -18.38 -9.41
N LYS A 18 -6.96 -17.71 -10.28
CA LYS A 18 -6.67 -16.32 -10.62
C LYS A 18 -7.29 -15.45 -9.53
N ILE A 19 -6.46 -14.70 -8.82
CA ILE A 19 -6.94 -13.87 -7.71
C ILE A 19 -6.88 -12.38 -8.04
N GLY A 20 -6.29 -12.03 -9.18
CA GLY A 20 -6.30 -10.64 -9.66
C GLY A 20 -6.02 -10.45 -11.15
N SER A 21 -6.49 -9.33 -11.69
CA SER A 21 -6.33 -8.99 -13.11
C SER A 21 -6.51 -7.50 -13.29
N GLY A 22 -5.79 -6.94 -14.24
CA GLY A 22 -5.83 -5.50 -14.52
C GLY A 22 -4.70 -5.10 -15.44
N GLU A 23 -4.40 -3.81 -15.49
CA GLU A 23 -3.34 -3.36 -16.39
C GLU A 23 -1.98 -3.92 -15.95
N PHE A 24 -1.88 -4.43 -14.72
CA PHE A 24 -0.66 -5.09 -14.26
C PHE A 24 -0.50 -6.53 -14.79
N GLY A 25 -1.52 -7.04 -15.49
CA GLY A 25 -1.56 -8.42 -15.94
C GLY A 25 -2.49 -9.30 -15.11
N SER A 26 -1.94 -10.39 -14.56
CA SER A 26 -2.71 -11.34 -13.78
C SER A 26 -1.91 -11.79 -12.55
N VAL A 27 -2.62 -12.08 -11.46
CA VAL A 27 -2.01 -12.67 -10.27
C VAL A 27 -2.70 -13.99 -10.03
N PHE A 28 -1.91 -15.00 -9.69
CA PHE A 28 -2.41 -16.35 -9.48
C PHE A 28 -1.97 -16.86 -8.14
N LYS A 29 -2.93 -17.42 -7.42
CA LYS A 29 -2.65 -18.27 -6.28
C LYS A 29 -2.05 -19.55 -6.84
N CYS A 30 -0.85 -19.91 -6.40
CA CYS A 30 -0.11 -21.09 -6.86
C CYS A 30 0.44 -21.82 -5.65
N VAL A 31 0.59 -23.13 -5.76
CA VAL A 31 1.32 -23.90 -4.78
C VAL A 31 2.67 -24.25 -5.41
N LYS A 32 3.74 -24.10 -4.65
CA LYS A 32 5.05 -24.43 -5.15
C LYS A 32 5.27 -25.93 -4.92
N ARG A 33 5.59 -26.65 -5.95
CA ARG A 33 5.74 -28.09 -5.85
C ARG A 33 6.69 -28.57 -4.77
N LEU A 34 7.85 -27.98 -4.72
CA LEU A 34 8.85 -28.38 -3.77
C LEU A 34 8.50 -28.27 -2.32
N ASP A 35 7.89 -27.19 -1.91
CA ASP A 35 7.60 -26.98 -0.53
C ASP A 35 6.18 -27.06 -0.12
N GLY A 36 5.29 -27.25 -1.06
CA GLY A 36 3.88 -27.30 -0.76
C GLY A 36 3.32 -26.01 -0.18
N CYS A 37 4.01 -24.89 -0.31
CA CYS A 37 3.46 -23.63 0.18
C CYS A 37 2.73 -22.86 -0.89
N ILE A 38 1.92 -21.89 -0.46
CA ILE A 38 1.12 -21.06 -1.35
C ILE A 38 1.82 -19.73 -1.56
N TYR A 39 1.79 -19.26 -2.79
CA TYR A 39 2.40 -18.02 -3.20
C TYR A 39 1.42 -17.31 -4.11
N ALA A 40 1.54 -15.99 -4.16
CA ALA A 40 0.86 -15.14 -5.13
C ALA A 40 1.87 -14.78 -6.20
N ILE A 41 1.60 -15.18 -7.44
CA ILE A 41 2.54 -14.95 -8.55
C ILE A 41 1.89 -14.01 -9.57
N LYS A 42 2.53 -12.90 -9.80
CA LYS A 42 2.10 -11.92 -10.80
C LYS A 42 2.75 -12.25 -12.12
N ARG A 43 1.94 -12.35 -13.14
CA ARG A 43 2.41 -12.63 -14.47
C ARG A 43 1.97 -11.51 -15.38
N SER A 44 2.92 -10.92 -16.07
CA SER A 44 2.61 -9.79 -16.94
C SER A 44 3.46 -9.78 -18.21
N LYS A 45 3.01 -9.10 -19.25
CA LYS A 45 3.88 -8.90 -20.40
C LYS A 45 5.09 -8.07 -19.98
N LYS A 46 6.26 -8.50 -20.44
CA LYS A 46 7.48 -7.75 -20.22
C LYS A 46 7.26 -6.37 -20.81
N PRO A 47 7.43 -5.31 -19.98
CA PRO A 47 7.17 -3.96 -20.47
C PRO A 47 8.05 -3.58 -21.64
N LEU A 48 7.54 -2.72 -22.51
CA LEU A 48 8.37 -2.14 -23.56
C LEU A 48 9.53 -1.43 -22.91
N ALA A 49 10.74 -1.70 -23.39
CA ALA A 49 11.92 -0.99 -22.90
C ALA A 49 11.77 0.52 -23.08
N GLY A 50 12.12 1.29 -22.04
CA GLY A 50 11.97 2.73 -22.08
C GLY A 50 10.63 3.25 -21.59
N SER A 51 9.74 2.35 -21.17
CA SER A 51 8.37 2.73 -20.88
C SER A 51 8.16 2.93 -19.39
N VAL A 52 7.04 3.57 -19.04
CA VAL A 52 6.66 3.75 -17.65
C VAL A 52 6.58 2.39 -16.97
N ASP A 53 6.01 1.43 -17.70
CA ASP A 53 5.80 0.11 -17.15
C ASP A 53 7.12 -0.51 -16.76
N GLU A 54 8.13 -0.28 -17.58
CA GLU A 54 9.46 -0.80 -17.28
C GLU A 54 10.03 -0.10 -16.04
N GLN A 55 9.84 1.21 -15.95
CA GLN A 55 10.30 1.97 -14.79
C GLN A 55 9.65 1.41 -13.53
N ASN A 56 8.33 1.28 -13.57
CA ASN A 56 7.59 0.72 -12.43
C ASN A 56 8.12 -0.64 -12.03
N ALA A 57 8.37 -1.49 -13.03
CA ALA A 57 8.88 -2.84 -12.79
C ALA A 57 10.29 -2.78 -12.17
N LEU A 58 11.14 -1.89 -12.66
CA LEU A 58 12.47 -1.70 -12.05
C LEU A 58 12.40 -1.14 -10.61
N ARG A 59 11.52 -0.17 -10.36
CA ARG A 59 11.35 0.29 -8.97
C ARG A 59 11.07 -0.91 -8.03
N GLU A 60 10.19 -1.79 -8.48
CA GLU A 60 9.86 -3.00 -7.74
C GLU A 60 11.10 -3.94 -7.58
N VAL A 61 11.87 -4.17 -8.63
CA VAL A 61 13.00 -5.10 -8.47
C VAL A 61 13.99 -4.52 -7.46
N TYR A 62 14.25 -3.25 -7.58
CA TYR A 62 15.33 -2.79 -6.79
C TYR A 62 14.86 -2.46 -5.34
N ALA A 63 13.57 -2.27 -5.12
CA ALA A 63 12.94 -2.31 -3.77
C ALA A 63 13.18 -3.64 -3.01
N HIS A 64 12.87 -4.75 -3.66
CA HIS A 64 13.19 -6.06 -3.10
C HIS A 64 14.70 -6.19 -2.76
N ALA A 65 15.57 -5.79 -3.69
CA ALA A 65 17.02 -5.85 -3.47
C ALA A 65 17.48 -5.19 -2.16
N VAL A 66 16.76 -4.15 -1.76
CA VAL A 66 17.12 -3.34 -0.60
C VAL A 66 16.45 -3.83 0.67
N LEU A 67 15.16 -4.19 0.59
CA LEU A 67 14.36 -4.36 1.80
C LEU A 67 14.56 -5.72 2.52
N GLY A 68 14.71 -6.79 1.76
CA GLY A 68 14.71 -8.07 2.43
C GLY A 68 13.33 -8.39 2.99
N GLN A 69 13.19 -8.44 4.31
CA GLN A 69 12.08 -9.18 4.94
C GLN A 69 11.52 -8.53 6.21
N HIS A 70 10.20 -8.34 6.25
CA HIS A 70 9.54 -7.66 7.38
C HIS A 70 8.11 -8.10 7.51
N SER A 71 7.57 -8.11 8.72
CA SER A 71 6.28 -8.73 8.97
C SER A 71 5.11 -7.84 8.58
N HIS A 72 5.35 -6.56 8.27
CA HIS A 72 4.29 -5.74 7.71
C HIS A 72 4.56 -5.32 6.28
N VAL A 73 5.43 -6.09 5.61
CA VAL A 73 5.66 -5.93 4.18
C VAL A 73 5.49 -7.29 3.52
N VAL A 74 4.80 -7.32 2.39
CA VAL A 74 4.58 -8.57 1.70
C VAL A 74 5.94 -9.08 1.25
N ARG A 75 6.31 -10.25 1.74
CA ARG A 75 7.61 -10.86 1.37
C ARG A 75 7.70 -11.15 -0.13
N TYR A 76 8.83 -10.81 -0.69
CA TYR A 76 9.21 -11.10 -2.08
C TYR A 76 10.14 -12.29 -2.08
N PHE A 77 9.86 -13.27 -2.93
CA PHE A 77 10.71 -14.45 -3.01
C PHE A 77 11.57 -14.52 -4.28
N SER A 78 11.03 -14.20 -5.44
CA SER A 78 11.79 -14.40 -6.67
C SER A 78 11.11 -13.68 -7.80
N ALA A 79 11.88 -13.48 -8.87
CA ALA A 79 11.37 -12.83 -10.07
C ALA A 79 12.18 -13.29 -11.26
N TRP A 80 11.49 -13.70 -12.33
CA TRP A 80 12.19 -14.11 -13.53
C TRP A 80 11.39 -13.67 -14.74
N ALA A 81 11.93 -13.97 -15.92
CA ALA A 81 11.26 -13.62 -17.17
C ALA A 81 11.31 -14.81 -18.04
N GLU A 82 10.25 -15.02 -18.82
CA GLU A 82 10.24 -16.10 -19.80
C GLU A 82 9.10 -15.87 -20.79
N ASP A 83 9.27 -16.34 -22.03
CA ASP A 83 8.28 -16.13 -23.09
C ASP A 83 7.76 -14.69 -23.12
N ASP A 84 8.67 -13.73 -23.06
CA ASP A 84 8.34 -12.30 -23.08
C ASP A 84 7.31 -11.88 -22.00
N HIS A 85 7.29 -12.63 -20.90
CA HIS A 85 6.50 -12.31 -19.74
C HIS A 85 7.42 -12.12 -18.52
N MET A 86 7.00 -11.33 -17.56
CA MET A 86 7.69 -11.37 -16.29
C MET A 86 6.79 -11.93 -15.21
N LEU A 87 7.45 -12.64 -14.32
CA LEU A 87 6.83 -13.28 -13.18
C LEU A 87 7.46 -12.86 -11.85
N ILE A 88 6.61 -12.40 -10.95
CA ILE A 88 7.00 -12.07 -9.59
C ILE A 88 6.32 -12.97 -8.55
N GLN A 89 7.13 -13.68 -7.77
CA GLN A 89 6.65 -14.57 -6.74
C GLN A 89 6.73 -13.96 -5.33
N ASN A 90 5.56 -13.70 -4.79
CA ASN A 90 5.38 -13.14 -3.45
C ASN A 90 4.64 -14.03 -2.49
N GLU A 91 4.76 -13.69 -1.20
CA GLU A 91 3.89 -14.18 -0.14
C GLU A 91 2.40 -14.17 -0.58
N TYR A 92 1.65 -15.18 -0.18
CA TYR A 92 0.20 -15.17 -0.33
C TYR A 92 -0.41 -14.80 0.99
N CYS A 93 -1.16 -13.71 0.99
CA CYS A 93 -1.90 -13.24 2.16
C CYS A 93 -3.33 -13.72 2.00
N ASN A 94 -3.77 -14.62 2.89
CA ASN A 94 -5.01 -15.34 2.66
C ASN A 94 -6.24 -14.48 2.88
N GLY A 95 -6.04 -13.26 3.34
CA GLY A 95 -7.14 -12.35 3.59
C GLY A 95 -7.45 -11.42 2.44
N GLY A 96 -6.69 -11.48 1.36
CA GLY A 96 -6.94 -10.60 0.25
C GLY A 96 -6.48 -9.19 0.65
N SER A 97 -6.93 -8.20 -0.10
CA SER A 97 -6.50 -6.82 0.17
C SER A 97 -7.47 -6.13 1.12
N LEU A 98 -7.00 -5.06 1.75
CA LEU A 98 -7.89 -4.27 2.60
C LEU A 98 -9.04 -3.74 1.76
N ALA A 99 -8.76 -3.46 0.49
CA ALA A 99 -9.79 -3.01 -0.43
C ALA A 99 -10.97 -4.01 -0.57
N ASP A 100 -10.66 -5.30 -0.73
CA ASP A 100 -11.66 -6.37 -0.81
C ASP A 100 -12.43 -6.44 0.50
N ALA A 101 -11.71 -6.34 1.60
CA ALA A 101 -12.34 -6.42 2.91
C ALA A 101 -13.30 -5.23 3.16
N ILE A 102 -12.92 -4.05 2.64
CA ILE A 102 -13.78 -2.86 2.77
C ILE A 102 -15.04 -3.07 1.94
N SER A 103 -14.92 -3.59 0.74
CA SER A 103 -16.08 -3.88 -0.11
C SER A 103 -17.01 -4.90 0.52
N GLU A 104 -16.43 -5.92 1.09
CA GLU A 104 -17.18 -6.94 1.76
C GLU A 104 -17.92 -6.36 2.95
N ASN A 105 -17.29 -5.44 3.67
CA ASN A 105 -17.90 -4.75 4.77
C ASN A 105 -19.08 -3.92 4.30
N TYR A 106 -18.91 -3.26 3.17
CA TYR A 106 -19.92 -2.41 2.59
C TYR A 106 -21.10 -3.24 2.12
N ARG A 107 -20.94 -4.56 2.04
CA ARG A 107 -22.01 -5.48 1.64
C ARG A 107 -22.67 -6.43 2.65
N ILE A 108 -21.98 -7.00 3.61
CA ILE A 108 -22.61 -8.02 4.49
C ILE A 108 -23.33 -7.82 5.81
N MET A 109 -23.48 -6.69 6.43
CA MET A 109 -22.85 -5.46 6.18
C MET A 109 -22.15 -5.38 7.56
N SER A 110 -20.83 -5.32 7.59
CA SER A 110 -20.07 -5.26 8.83
C SER A 110 -19.25 -4.00 8.81
N TYR A 111 -18.31 -3.85 9.72
CA TYR A 111 -17.50 -2.61 9.74
C TYR A 111 -16.18 -2.62 10.49
N PHE A 112 -15.29 -1.65 10.19
CA PHE A 112 -14.10 -1.55 11.05
C PHE A 112 -14.36 -0.49 12.09
N LYS A 113 -14.43 -0.88 13.32
CA LYS A 113 -14.68 0.09 14.34
C LYS A 113 -13.36 0.73 14.77
N GLU A 114 -13.41 1.56 15.81
CA GLU A 114 -12.24 2.31 16.24
C GLU A 114 -11.06 1.41 16.58
N ALA A 115 -11.30 0.39 17.39
CA ALA A 115 -10.22 -0.47 17.83
C ALA A 115 -9.51 -1.09 16.63
N GLU A 116 -10.30 -1.60 15.70
CA GLU A 116 -9.74 -2.22 14.51
C GLU A 116 -9.00 -1.20 13.65
N LEU A 117 -9.53 0.00 13.57
CA LEU A 117 -8.89 1.02 12.77
C LEU A 117 -7.50 1.35 13.33
N LYS A 118 -7.42 1.45 14.64
CA LYS A 118 -6.16 1.80 15.31
C LYS A 118 -5.09 0.72 15.09
N ASP A 119 -5.53 -0.53 15.12
CA ASP A 119 -4.65 -1.66 14.85
C ASP A 119 -4.13 -1.61 13.41
N LEU A 120 -5.02 -1.31 12.47
CA LEU A 120 -4.59 -1.07 11.10
C LEU A 120 -3.57 0.08 11.01
N LEU A 121 -3.77 1.18 11.73
CA LEU A 121 -2.89 2.32 11.56
C LEU A 121 -1.50 1.94 12.04
N LEU A 122 -1.45 1.26 13.18
CA LEU A 122 -0.20 0.89 13.82
C LEU A 122 0.58 -0.07 12.95
N GLN A 123 -0.11 -1.08 12.47
CA GLN A 123 0.53 -2.16 11.71
C GLN A 123 1.07 -1.65 10.39
N VAL A 124 0.24 -1.01 9.58
CA VAL A 124 0.79 -0.40 8.38
C VAL A 124 1.87 0.62 8.71
N GLY A 125 1.72 1.32 9.82
CA GLY A 125 2.71 2.30 10.26
C GLY A 125 4.07 1.66 10.52
N ARG A 126 4.08 0.51 11.16
CA ARG A 126 5.29 -0.27 11.36
C ARG A 126 6.01 -0.63 10.06
N GLY A 127 5.21 -0.93 9.06
CA GLY A 127 5.76 -1.32 7.78
C GLY A 127 6.41 -0.09 7.20
N LEU A 128 5.72 1.05 7.27
CA LEU A 128 6.30 2.29 6.73
C LEU A 128 7.56 2.69 7.45
N ARG A 129 7.57 2.44 8.74
CA ARG A 129 8.67 2.83 9.57
C ARG A 129 9.90 2.13 9.04
N TYR A 130 9.74 0.83 8.81
CA TYR A 130 10.83 0.03 8.30
C TYR A 130 11.26 0.51 6.89
N ILE A 131 10.31 0.69 5.97
CA ILE A 131 10.68 1.15 4.62
C ILE A 131 11.46 2.47 4.65
N HIS A 132 10.97 3.42 5.42
CA HIS A 132 11.59 4.73 5.53
C HIS A 132 13.02 4.65 6.11
N SER A 133 13.24 3.71 7.02
CA SER A 133 14.55 3.59 7.64
C SER A 133 15.57 3.05 6.63
N MET A 134 15.09 2.42 5.57
CA MET A 134 15.95 1.94 4.50
C MET A 134 16.07 3.01 3.43
N SER A 135 15.71 4.23 3.78
CA SER A 135 15.79 5.37 2.87
C SER A 135 14.94 5.24 1.63
N LEU A 136 13.84 4.49 1.74
CA LEU A 136 12.87 4.36 0.68
C LEU A 136 11.51 4.92 1.08
N VAL A 137 10.70 5.22 0.08
CA VAL A 137 9.32 5.57 0.28
C VAL A 137 8.43 4.75 -0.63
N HIS A 138 7.21 4.46 -0.18
CA HIS A 138 6.33 3.58 -0.92
C HIS A 138 5.60 4.30 -2.08
N MET A 139 5.04 5.47 -1.76
CA MET A 139 4.44 6.35 -2.76
C MET A 139 3.18 5.81 -3.42
N ASP A 140 2.66 4.69 -2.96
CA ASP A 140 1.34 4.30 -3.44
C ASP A 140 0.53 3.55 -2.38
N ILE A 141 0.55 4.06 -1.14
CA ILE A 141 -0.28 3.54 -0.09
C ILE A 141 -1.75 3.82 -0.39
N LYS A 142 -2.54 2.76 -0.28
CA LYS A 142 -3.99 2.76 -0.46
C LYS A 142 -4.53 1.33 -0.11
N PRO A 143 -5.86 1.19 0.09
CA PRO A 143 -6.41 -0.12 0.52
C PRO A 143 -6.03 -1.28 -0.39
N SER A 144 -6.01 -1.10 -1.71
CA SER A 144 -5.76 -2.18 -2.63
C SER A 144 -4.28 -2.68 -2.55
N ASN A 145 -3.44 -1.96 -1.83
CA ASN A 145 -2.03 -2.30 -1.71
C ASN A 145 -1.67 -2.73 -0.31
N ILE A 146 -2.70 -2.92 0.51
CA ILE A 146 -2.52 -3.43 1.85
C ILE A 146 -3.21 -4.79 1.82
N PHE A 147 -2.49 -5.82 2.22
CA PHE A 147 -2.95 -7.20 2.16
C PHE A 147 -3.09 -7.72 3.59
N ILE A 148 -3.92 -8.75 3.78
CA ILE A 148 -4.28 -9.24 5.10
C ILE A 148 -3.92 -10.73 5.19
N SER A 149 -3.20 -11.13 6.23
CA SER A 149 -3.09 -12.57 6.61
C SER A 149 -3.77 -12.86 7.94
N ARG A 150 -4.46 -14.00 8.03
CA ARG A 150 -5.18 -14.38 9.24
C ARG A 150 -4.70 -15.72 9.72
N VAL A 171 -4.65 -11.25 13.15
CA VAL A 171 -4.66 -10.65 11.81
C VAL A 171 -3.44 -9.75 11.53
N MET A 172 -2.78 -9.96 10.39
CA MET A 172 -1.60 -9.18 10.03
C MET A 172 -1.81 -8.36 8.75
N PHE A 173 -1.47 -7.07 8.81
CA PHE A 173 -1.61 -6.18 7.66
C PHE A 173 -0.24 -5.97 7.09
N LYS A 174 -0.14 -6.13 5.78
CA LYS A 174 1.14 -6.03 5.13
C LYS A 174 1.09 -5.19 3.88
N ILE A 175 2.10 -4.31 3.75
CA ILE A 175 2.28 -3.47 2.58
C ILE A 175 2.81 -4.25 1.42
N GLY A 176 2.14 -4.18 0.28
CA GLY A 176 2.65 -4.73 -0.97
C GLY A 176 2.59 -3.72 -2.13
N ASP A 177 2.80 -4.23 -3.35
CA ASP A 177 2.78 -3.48 -4.61
C ASP A 177 3.80 -2.32 -4.61
N LEU A 178 5.07 -2.71 -4.78
CA LEU A 178 6.23 -1.82 -4.57
C LEU A 178 6.68 -1.08 -5.85
N GLY A 179 5.82 -1.04 -6.87
CA GLY A 179 6.20 -0.50 -8.17
C GLY A 179 6.38 1.01 -8.22
N HIS A 180 5.94 1.72 -7.17
CA HIS A 180 6.20 3.17 -7.03
C HIS A 180 7.26 3.51 -6.01
N VAL A 181 7.88 2.51 -5.41
CA VAL A 181 8.87 2.78 -4.38
C VAL A 181 10.03 3.50 -5.00
N THR A 182 10.53 4.49 -4.28
CA THR A 182 11.66 5.26 -4.76
C THR A 182 12.51 5.71 -3.57
N ARG A 183 13.68 6.27 -3.86
CA ARG A 183 14.58 6.68 -2.83
C ARG A 183 14.14 8.00 -2.25
N ILE A 184 14.29 8.18 -0.95
CA ILE A 184 14.00 9.49 -0.33
C ILE A 184 14.79 10.61 -1.06
N SER A 185 15.99 10.30 -1.55
CA SER A 185 16.62 11.12 -2.59
C SER A 185 17.77 10.35 -3.22
N SER A 186 17.94 10.39 -4.55
CA SER A 186 17.10 11.14 -5.49
C SER A 186 15.88 10.32 -5.92
N PRO A 187 14.66 10.85 -5.70
CA PRO A 187 13.49 10.02 -6.04
C PRO A 187 13.09 10.12 -7.51
N GLN A 188 12.74 8.99 -8.09
CA GLN A 188 12.13 8.94 -9.40
C GLN A 188 10.63 8.87 -9.16
N VAL A 189 9.95 10.02 -9.11
CA VAL A 189 8.57 9.96 -8.61
C VAL A 189 7.54 9.69 -9.69
N GLU A 190 6.96 8.50 -9.62
CA GLU A 190 5.79 8.18 -10.38
C GLU A 190 4.65 8.36 -9.41
N GLU A 191 3.77 9.29 -9.73
CA GLU A 191 2.74 9.67 -8.79
C GLU A 191 1.82 8.52 -8.54
N GLY A 192 1.44 8.38 -7.28
CA GLY A 192 0.48 7.40 -6.85
C GLY A 192 -0.92 7.81 -7.26
N ASP A 193 -1.89 6.97 -6.90
CA ASP A 193 -3.32 7.25 -7.04
C ASP A 193 -3.71 8.69 -6.64
N SER A 194 -4.34 9.42 -7.54
CA SER A 194 -4.71 10.80 -7.24
C SER A 194 -5.56 10.90 -5.97
N ARG A 195 -6.23 9.81 -5.59
CA ARG A 195 -7.18 9.88 -4.48
C ARG A 195 -6.50 9.93 -3.15
N PHE A 196 -5.23 9.51 -3.12
CA PHE A 196 -4.49 9.35 -1.85
C PHE A 196 -3.26 10.23 -1.85
N LEU A 197 -3.14 11.02 -2.90
CA LEU A 197 -1.96 11.84 -3.18
C LEU A 197 -1.98 13.17 -2.46
N ALA A 198 -0.91 13.44 -1.72
CA ALA A 198 -0.66 14.76 -1.07
C ALA A 198 -0.38 15.88 -2.06
N ASN A 199 -0.82 17.09 -1.74
CA ASN A 199 -0.71 18.21 -2.66
C ASN A 199 0.74 18.54 -3.01
N GLU A 200 1.62 18.41 -2.03
CA GLU A 200 3.00 18.84 -2.23
C GLU A 200 3.69 17.97 -3.24
N VAL A 201 3.26 16.70 -3.33
CA VAL A 201 3.79 15.81 -4.35
C VAL A 201 3.30 16.24 -5.72
N LEU A 202 2.01 16.56 -5.81
CA LEU A 202 1.45 17.08 -7.04
C LEU A 202 2.19 18.35 -7.46
N GLN A 203 2.69 19.10 -6.48
CA GLN A 203 3.40 20.40 -6.72
C GLN A 203 4.87 20.20 -7.05
N GLU A 204 5.29 18.93 -7.18
CA GLU A 204 6.64 18.54 -7.54
C GLU A 204 7.61 18.90 -6.43
N ASN A 205 7.11 18.89 -5.20
CA ASN A 205 7.94 19.03 -4.02
C ASN A 205 8.23 17.70 -3.38
N TYR A 206 9.45 17.21 -3.58
CA TYR A 206 9.81 15.90 -3.09
C TYR A 206 10.81 15.96 -1.95
N THR A 207 10.75 17.00 -1.13
CA THR A 207 11.73 17.15 -0.04
C THR A 207 11.32 16.41 1.22
N HIS A 208 10.04 16.02 1.32
CA HIS A 208 9.58 15.20 2.45
C HIS A 208 8.66 14.02 2.06
N LEU A 209 9.09 13.21 1.11
CA LEU A 209 8.25 12.16 0.57
C LEU A 209 7.70 11.19 1.63
N PRO A 210 8.47 10.85 2.67
CA PRO A 210 7.90 9.96 3.72
C PRO A 210 6.55 10.46 4.23
N LYS A 211 6.44 11.79 4.33
CA LYS A 211 5.21 12.40 4.77
C LYS A 211 4.09 12.24 3.74
N ALA A 212 4.42 11.94 2.49
CA ALA A 212 3.35 11.63 1.56
C ALA A 212 2.78 10.23 1.87
N ASP A 213 3.62 9.29 2.31
CA ASP A 213 3.16 7.95 2.69
C ASP A 213 2.21 8.11 3.91
N ILE A 214 2.53 9.06 4.79
CA ILE A 214 1.72 9.25 6.00
C ILE A 214 0.33 9.78 5.65
N PHE A 215 0.27 10.77 4.77
CA PHE A 215 -0.97 11.32 4.26
C PHE A 215 -1.87 10.19 3.71
N ALA A 216 -1.27 9.32 2.91
CA ALA A 216 -2.00 8.30 2.20
C ALA A 216 -2.56 7.26 3.17
N LEU A 217 -1.81 7.03 4.22
CA LEU A 217 -2.17 6.02 5.21
C LEU A 217 -3.40 6.47 5.94
N ALA A 218 -3.45 7.75 6.28
CA ALA A 218 -4.57 8.32 6.97
C ALA A 218 -5.82 8.23 6.13
N LEU A 219 -5.72 8.52 4.83
CA LEU A 219 -6.90 8.42 3.98
C LEU A 219 -7.29 6.92 3.79
N THR A 220 -6.28 6.04 3.83
CA THR A 220 -6.51 4.58 3.77
C THR A 220 -7.33 4.15 4.99
N VAL A 221 -7.00 4.71 6.16
CA VAL A 221 -7.70 4.33 7.38
C VAL A 221 -9.09 4.95 7.36
N VAL A 222 -9.21 6.12 6.76
CA VAL A 222 -10.51 6.74 6.61
C VAL A 222 -11.42 5.88 5.69
N CYS A 223 -10.86 5.24 4.65
CA CYS A 223 -11.65 4.38 3.81
C CYS A 223 -12.14 3.19 4.63
N ALA A 224 -11.25 2.57 5.39
CA ALA A 224 -11.62 1.43 6.23
C ALA A 224 -12.73 1.79 7.23
N ALA A 225 -12.79 3.06 7.61
CA ALA A 225 -13.77 3.50 8.60
C ALA A 225 -15.13 3.73 7.95
N GLY A 226 -15.23 3.56 6.64
CA GLY A 226 -16.51 3.61 5.94
C GLY A 226 -16.81 4.90 5.16
N ALA A 227 -15.79 5.69 4.86
CA ALA A 227 -15.99 6.93 4.09
C ALA A 227 -16.54 6.64 2.70
N GLU A 228 -17.29 7.59 2.14
CA GLU A 228 -17.66 7.54 0.71
C GLU A 228 -16.42 7.49 -0.17
N PRO A 229 -16.54 7.00 -1.41
CA PRO A 229 -15.42 6.98 -2.37
C PRO A 229 -14.67 8.30 -2.39
N LEU A 230 -13.35 8.24 -2.42
CA LEU A 230 -12.54 9.44 -2.26
C LEU A 230 -12.51 10.19 -3.59
N PRO A 231 -12.47 11.54 -3.54
CA PRO A 231 -12.41 12.29 -4.79
C PRO A 231 -11.09 12.16 -5.54
N ARG A 232 -11.19 12.13 -6.86
CA ARG A 232 -10.03 12.11 -7.77
C ARG A 232 -9.56 13.53 -8.16
N ASN A 233 -10.47 14.49 -8.11
CA ASN A 233 -10.12 15.89 -8.33
C ASN A 233 -11.33 16.78 -8.07
N GLY A 234 -11.20 18.07 -8.38
CA GLY A 234 -12.27 19.01 -8.09
C GLY A 234 -12.24 19.44 -6.64
N ASP A 235 -13.35 20.08 -6.23
CA ASP A 235 -13.46 20.82 -4.97
C ASP A 235 -13.19 20.01 -3.70
N GLN A 236 -13.95 18.94 -3.48
CA GLN A 236 -13.74 18.11 -2.28
C GLN A 236 -12.32 17.55 -2.23
N TRP A 237 -11.70 17.34 -3.39
CA TRP A 237 -10.30 16.89 -3.43
C TRP A 237 -9.42 17.93 -2.77
N HIS A 238 -9.53 19.18 -3.25
CA HIS A 238 -8.76 20.28 -2.68
C HIS A 238 -9.17 20.45 -1.21
N GLU A 239 -10.44 20.22 -0.88
CA GLU A 239 -10.88 20.44 0.50
C GLU A 239 -10.11 19.53 1.44
N ILE A 240 -9.83 18.31 1.01
CA ILE A 240 -9.09 17.38 1.84
C ILE A 240 -7.64 17.83 2.04
N ARG A 241 -6.98 18.23 0.96
CA ARG A 241 -5.58 18.69 1.08
C ARG A 241 -5.53 19.98 1.91
N GLN A 242 -6.65 20.67 2.09
CA GLN A 242 -6.69 21.80 3.01
C GLN A 242 -6.67 21.31 4.46
N GLY A 243 -6.65 20.00 4.67
CA GLY A 243 -6.56 19.45 6.02
C GLY A 243 -7.88 18.93 6.59
N ARG A 244 -8.91 18.83 5.75
CA ARG A 244 -10.25 18.42 6.21
C ARG A 244 -10.56 16.94 5.91
N LEU A 245 -10.88 16.18 6.95
CA LEU A 245 -11.16 14.73 6.82
C LEU A 245 -12.44 14.47 6.06
N PRO A 246 -12.43 13.49 5.16
CA PRO A 246 -13.74 13.19 4.56
C PRO A 246 -14.72 12.75 5.63
N ARG A 247 -16.01 13.03 5.40
CA ARG A 247 -17.06 12.53 6.27
C ARG A 247 -16.96 11.02 6.49
N ILE A 248 -17.01 10.66 7.73
CA ILE A 248 -17.01 9.31 8.21
C ILE A 248 -18.51 8.95 8.57
N PRO A 249 -18.86 7.68 8.77
CA PRO A 249 -20.24 7.28 9.12
C PRO A 249 -20.42 6.83 10.55
N GLN A 250 -19.35 6.85 11.34
CA GLN A 250 -19.36 6.33 12.69
C GLN A 250 -18.74 7.23 13.75
N VAL A 251 -18.73 6.66 14.96
CA VAL A 251 -18.37 7.31 16.21
C VAL A 251 -16.88 7.11 16.53
N LEU A 252 -16.07 8.12 16.20
CA LEU A 252 -14.63 8.08 16.49
C LEU A 252 -14.31 9.08 17.58
N SER A 253 -13.30 8.76 18.40
CA SER A 253 -12.86 9.64 19.47
C SER A 253 -12.25 10.91 18.90
N GLN A 254 -12.39 12.01 19.63
CA GLN A 254 -11.79 13.29 19.24
C GLN A 254 -10.28 13.16 19.11
N GLU A 255 -9.72 12.17 19.80
CA GLU A 255 -8.27 12.01 19.89
C GLU A 255 -7.72 11.17 18.74
N PHE A 256 -8.54 10.25 18.26
CA PHE A 256 -8.16 9.44 17.11
C PHE A 256 -8.33 10.33 15.89
N THR A 257 -9.47 11.02 15.84
CA THR A 257 -9.72 12.03 14.83
C THR A 257 -8.61 13.07 14.67
N GLU A 258 -8.25 13.73 15.77
CA GLU A 258 -7.16 14.70 15.73
C GLU A 258 -5.95 14.04 15.09
N LEU A 259 -5.67 12.79 15.47
CA LEU A 259 -4.51 12.12 14.90
C LEU A 259 -4.60 11.99 13.39
N LEU A 260 -5.73 11.52 12.88
CA LEU A 260 -5.88 11.34 11.46
C LEU A 260 -5.81 12.72 10.80
N LYS A 261 -6.42 13.72 11.44
CA LYS A 261 -6.42 15.09 10.94
C LYS A 261 -5.00 15.64 10.72
N VAL A 262 -4.12 15.47 11.71
CA VAL A 262 -2.77 15.98 11.59
C VAL A 262 -1.97 15.14 10.58
N MET A 263 -2.44 13.92 10.27
CA MET A 263 -1.74 13.09 9.29
C MET A 263 -1.97 13.62 7.87
N ILE A 264 -2.99 14.48 7.67
CA ILE A 264 -3.22 15.11 6.35
C ILE A 264 -3.07 16.64 6.41
N HIS A 265 -2.40 17.09 7.45
CA HIS A 265 -2.05 18.52 7.60
C HIS A 265 -1.44 19.06 6.29
N PRO A 266 -1.89 20.23 5.80
CA PRO A 266 -1.27 20.74 4.57
C PRO A 266 0.27 20.86 4.63
N ASP A 267 0.82 21.08 5.83
CA ASP A 267 2.27 21.17 6.04
C ASP A 267 2.83 19.78 6.35
N PRO A 268 3.49 19.16 5.37
CA PRO A 268 3.95 17.78 5.61
C PRO A 268 4.91 17.68 6.80
N GLU A 269 5.57 18.78 7.17
CA GLU A 269 6.47 18.76 8.31
C GLU A 269 5.69 18.64 9.62
N ARG A 270 4.39 18.95 9.60
CA ARG A 270 3.52 18.83 10.80
C ARG A 270 2.93 17.42 10.97
N ARG A 271 2.85 16.69 9.86
CA ARG A 271 2.47 15.30 9.92
C ARG A 271 3.55 14.54 10.69
N PRO A 272 3.14 13.55 11.50
CA PRO A 272 4.13 12.73 12.21
C PRO A 272 4.95 11.86 11.26
N SER A 273 6.23 11.64 11.57
CA SER A 273 6.97 10.57 10.87
C SER A 273 6.37 9.20 11.20
N ALA A 274 6.83 8.19 10.47
CA ALA A 274 6.35 6.84 10.75
C ALA A 274 6.77 6.50 12.18
N MET A 275 7.97 6.89 12.56
CA MET A 275 8.48 6.44 13.85
C MET A 275 7.67 7.13 14.95
N ALA A 276 7.40 8.43 14.78
CA ALA A 276 6.56 9.14 15.73
C ALA A 276 5.15 8.51 15.78
N LEU A 277 4.67 8.04 14.63
CA LEU A 277 3.35 7.37 14.58
C LEU A 277 3.29 6.06 15.40
N VAL A 278 4.26 5.16 15.20
CA VAL A 278 4.21 3.87 15.88
C VAL A 278 4.37 4.05 17.40
N LYS A 279 4.91 5.19 17.85
CA LYS A 279 5.14 5.40 19.29
C LYS A 279 4.11 6.34 19.94
N HIS A 280 2.96 6.48 19.30
CA HIS A 280 1.92 7.40 19.76
C HIS A 280 0.93 6.79 20.76
N SER A 281 0.58 7.55 21.80
CA SER A 281 -0.24 7.04 22.91
C SER A 281 -1.61 6.55 22.47
N VAL A 282 -2.14 7.16 21.43
CA VAL A 282 -3.46 6.82 20.90
C VAL A 282 -3.47 5.38 20.35
N LEU A 283 -2.40 4.98 19.69
CA LEU A 283 -2.34 3.64 19.05
C LEU A 283 -1.86 2.61 20.03
N LEU A 284 -0.72 2.87 20.65
CA LEU A 284 -0.24 2.05 21.75
C LEU A 284 -1.42 1.87 22.70
N SER A 285 -1.91 0.65 22.92
CA SER A 285 -1.34 -0.63 22.45
C SER A 285 -1.29 -0.81 20.95
N12 98D B . -1.25 -11.69 -1.32
C13 98D B . -0.11 -11.06 -1.72
C15 98D B . -1.35 -10.40 -3.67
C17 98D B . -2.14 -9.44 -5.66
C20 98D B . -2.79 -6.26 -7.55
C21 98D B . -1.49 -6.27 -8.38
C24 98D B . -4.33 -9.72 -6.66
C28 98D B . 1.35 -9.42 -6.68
C01 98D B . -12.26 -13.24 -6.06
N02 98D B . -11.05 -13.04 -5.22
C03 98D B . -10.80 -11.65 -4.80
C04 98D B . -9.32 -11.52 -4.35
N05 98D B . -8.73 -12.69 -3.70
C06 98D B . -7.44 -12.60 -3.16
C07 98D B . -6.59 -11.52 -3.47
C08 98D B . -5.31 -11.39 -2.94
C09 98D B . -4.76 -12.38 -2.11
N10 98D B . -3.50 -12.33 -1.56
C11 98D B . -2.40 -11.70 -2.03
C14 98D B . -0.18 -10.40 -2.94
N16 98D B . -1.14 -9.72 -4.80
N18 98D B . -2.10 -8.17 -6.16
C19 98D B . -3.00 -7.59 -6.97
O22 98D B . -2.68 -5.32 -6.48
C23 98D B . -4.17 -8.41 -7.22
C25 98D B . -3.33 -10.21 -5.83
N26 98D B . 0.10 -9.24 -4.76
C27 98D B . 0.80 -8.48 -5.73
C29 98D B . 1.97 -10.57 -6.38
C30 98D B . 0.73 -9.63 -3.65
O31 98D B . 1.92 -9.39 -3.32
N32 98D B . -2.45 -11.06 -3.23
C33 98D B . -5.58 -13.46 -1.77
C34 98D B . -6.87 -13.57 -2.30
C35 98D B . -9.50 -13.93 -3.57
C36 98D B . -10.97 -13.91 -4.02
H131 98D B . 0.74 -11.08 -1.15
H201 98D B . -3.64 -5.98 -8.18
H213 98D B . -0.71 -5.69 -7.88
H212 98D B . -1.67 -5.87 -9.38
H211 98D B . -1.13 -7.30 -8.47
H241 98D B . -5.17 -10.28 -6.85
H281 98D B . 1.27 -9.19 -7.64
H012 98D B . -12.23 -12.55 -6.91
H013 98D B . -13.15 -12.99 -5.49
H011 98D B . -12.32 -14.26 -6.42
H031 98D B . -11.45 -11.36 -3.98
H032 98D B . -10.99 -10.95 -5.63
H041 98D B . -9.24 -10.68 -3.66
H042 98D B . -8.75 -11.28 -5.25
H071 98D B . -6.90 -10.75 -4.08
H081 98D B . -4.75 -10.59 -3.22
H101 98D B . -3.39 -12.82 -0.72
H221 98D B . -3.56 -5.36 -6.03
H231 98D B . -4.99 -8.13 -7.85
H251 98D B . -3.42 -11.14 -5.41
H271 98D B . 0.10 -7.79 -6.21
H272 98D B . 1.60 -7.88 -5.30
H291 98D B . 2.08 -10.87 -5.44
H292 98D B . 2.31 -11.16 -7.10
H331 98D B . -5.23 -14.20 -1.15
H341 98D B . -7.40 -14.40 -2.03
H351 98D B . -9.01 -14.73 -4.12
H352 98D B . -9.52 -14.22 -2.51
H361 98D B . -11.33 -14.92 -4.23
H362 98D B . -11.59 -13.51 -3.21
CL CL C . 10.79 13.52 5.96
C1 EDO D . -6.98 -22.41 -13.46
O1 EDO D . -6.65 -23.04 -12.21
C2 EDO D . -6.93 -20.92 -13.20
O2 EDO D . -5.58 -20.50 -12.89
H11 EDO D . -7.98 -22.71 -13.78
H12 EDO D . -6.26 -22.69 -14.22
HO1 EDO D . -6.66 -24.00 -12.32
H21 EDO D . -7.29 -20.39 -14.09
H22 EDO D . -7.60 -20.67 -12.38
HO2 EDO D . -5.57 -19.55 -12.73
#